data_7PMU
#
_entry.id   7PMU
#
_cell.length_a   96.951
_cell.length_b   130.672
_cell.length_c   151.089
_cell.angle_alpha   90.000
_cell.angle_beta   90.000
_cell.angle_gamma   90.000
#
_symmetry.space_group_name_H-M   'F 2 2 2'
#
loop_
_entity.id
_entity.type
_entity.pdbx_description
1 polymer Serpin-8
2 non-polymer 'HEXAETHYLENE GLYCOL'
3 non-polymer 'TETRAETHYLENE GLYCOL'
4 non-polymer DI(HYDROXYETHYL)ETHER
5 water water
#
_entity_poly.entity_id   1
_entity_poly.type   'polypeptide(L)'
_entity_poly.pdbx_seq_one_letter_code
;QDEISQDKWELARANNYLGLNLLKQLPSNDKTNVFFSPFSVSTAMGMAYAGARGDTLEQLTLNFGYAADELNEGKVLALF
KEQLQSTNDLPHDYTLNIANAAVAQEGYGILPEYTDALTSSFGAEYIEADFQKRGQEAIQKINAWVSNRTHGKVQSLFDE
PPDFSTRLILLNAIYYKGTWLYEFDKTKTKPRSFYNGGVEKVQVPMMRLKSTLNHTYNAILNADLVDLPYVGNDFSMTII
LPREKTGLASLKSVLTSQTLNLALQNMYPKDMKLKLPKFKLDTKYTLKPTLEAMGITKIFSADADLSGISGSRNLYVSDV
LHKAVLEVNEEGSEAAAVTGFVIQLRTAAFVTPPPLPKVYVDHPFIFLIRNSKTNTIMFLGEINAL
;
_entity_poly.pdbx_strand_id   A
#
# COMPACT_ATOMS: atom_id res chain seq x y z
N SER A 5 11.77 13.42 -12.28
CA SER A 5 12.36 12.54 -13.35
C SER A 5 11.25 11.65 -13.97
N GLN A 6 11.35 11.36 -15.27
CA GLN A 6 10.31 10.64 -16.03
C GLN A 6 10.39 9.15 -15.68
N ASP A 7 11.59 8.66 -15.36
CA ASP A 7 11.81 7.27 -14.90
C ASP A 7 11.08 7.04 -13.56
N LYS A 8 11.30 7.88 -12.54
CA LYS A 8 10.62 7.77 -11.20
C LYS A 8 9.10 7.82 -11.40
N TRP A 9 8.62 8.68 -12.30
CA TRP A 9 7.18 8.81 -12.63
C TRP A 9 6.67 7.47 -13.21
N GLU A 10 7.48 6.79 -14.03
CA GLU A 10 7.06 5.59 -14.77
C GLU A 10 6.94 4.47 -13.74
N LEU A 11 7.79 4.48 -12.71
CA LEU A 11 7.78 3.42 -11.67
C LEU A 11 6.55 3.62 -10.77
N ALA A 12 6.31 4.85 -10.36
CA ALA A 12 5.12 5.21 -9.57
C ALA A 12 3.86 4.84 -10.38
N ARG A 13 3.85 5.05 -11.70
CA ARG A 13 2.66 4.73 -12.51
C ARG A 13 2.43 3.19 -12.53
N ALA A 14 3.48 2.39 -12.78
CA ALA A 14 3.39 0.91 -12.76
C ALA A 14 2.87 0.45 -11.39
N ASN A 15 3.40 1.03 -10.33
CA ASN A 15 3.08 0.67 -8.94
C ASN A 15 1.59 0.95 -8.67
N ASN A 16 1.13 2.11 -9.08
CA ASN A 16 -0.26 2.58 -8.82
C ASN A 16 -1.24 1.76 -9.68
N TYR A 17 -0.85 1.40 -10.89
CA TYR A 17 -1.63 0.56 -11.83
C TYR A 17 -1.85 -0.80 -11.19
N LEU A 18 -0.76 -1.39 -10.66
CA LEU A 18 -0.80 -2.71 -9.97
C LEU A 18 -1.71 -2.61 -8.75
N GLY A 19 -1.56 -1.58 -7.94
CA GLY A 19 -2.32 -1.43 -6.69
C GLY A 19 -3.83 -1.36 -6.93
N LEU A 20 -4.27 -0.52 -7.85
CA LEU A 20 -5.72 -0.32 -8.15
C LEU A 20 -6.31 -1.53 -8.88
N ASN A 21 -5.49 -2.23 -9.66
CA ASN A 21 -5.95 -3.50 -10.28
C ASN A 21 -6.11 -4.59 -9.20
N LEU A 22 -5.18 -4.67 -8.24
CA LEU A 22 -5.24 -5.60 -7.10
C LEU A 22 -6.53 -5.34 -6.34
N LEU A 23 -6.80 -4.07 -6.05
CA LEU A 23 -8.02 -3.69 -5.31
C LEU A 23 -9.27 -4.22 -6.03
N LYS A 24 -9.32 -4.18 -7.37
CA LYS A 24 -10.52 -4.64 -8.12
C LYS A 24 -10.56 -6.17 -8.13
N GLN A 25 -9.45 -6.85 -7.89
CA GLN A 25 -9.36 -8.33 -8.02
C GLN A 25 -9.45 -9.01 -6.66
N LEU A 26 -9.28 -8.30 -5.53
CA LEU A 26 -9.21 -8.99 -4.22
C LEU A 26 -10.60 -9.38 -3.76
N PRO A 27 -10.79 -10.58 -3.18
CA PRO A 27 -12.08 -10.98 -2.60
C PRO A 27 -12.47 -10.04 -1.46
N SER A 28 -13.75 -9.74 -1.31
CA SER A 28 -14.20 -8.78 -0.29
C SER A 28 -15.64 -9.07 0.10
N ASN A 29 -16.10 -8.43 1.15
CA ASN A 29 -17.54 -8.39 1.51
C ASN A 29 -17.72 -7.15 2.38
N ASP A 30 -18.98 -6.81 2.63
CA ASP A 30 -19.42 -5.58 3.34
C ASP A 30 -18.99 -5.59 4.81
N LYS A 31 -18.49 -6.71 5.35
CA LYS A 31 -18.18 -6.86 6.80
C LYS A 31 -16.68 -6.85 7.08
N THR A 32 -15.84 -6.84 6.05
CA THR A 32 -14.37 -6.95 6.23
C THR A 32 -13.67 -5.82 5.45
N ASN A 33 -12.54 -5.39 5.99
CA ASN A 33 -11.76 -4.26 5.46
C ASN A 33 -10.65 -4.86 4.60
N VAL A 34 -10.35 -4.22 3.48
CA VAL A 34 -9.22 -4.62 2.59
C VAL A 34 -8.09 -3.63 2.86
N PHE A 35 -6.87 -4.16 2.98
CA PHE A 35 -5.69 -3.34 3.28
C PHE A 35 -4.44 -4.07 2.77
N PHE A 36 -3.66 -3.40 1.93
CA PHE A 36 -2.43 -4.01 1.40
C PHE A 36 -1.50 -2.88 1.02
N SER A 37 -0.26 -3.25 0.73
CA SER A 37 0.74 -2.28 0.28
C SER A 37 1.07 -2.57 -1.17
N PRO A 38 0.60 -1.76 -2.15
CA PRO A 38 1.03 -1.93 -3.54
C PRO A 38 2.56 -1.93 -3.69
N PHE A 39 3.23 -1.08 -2.92
CA PHE A 39 4.70 -1.02 -2.85
C PHE A 39 5.28 -2.42 -2.52
N SER A 40 4.77 -3.10 -1.50
CA SER A 40 5.20 -4.48 -1.14
C SER A 40 4.93 -5.43 -2.32
N VAL A 41 3.79 -5.33 -2.99
CA VAL A 41 3.49 -6.26 -4.12
C VAL A 41 4.45 -5.95 -5.25
N SER A 42 4.69 -4.66 -5.50
CA SER A 42 5.61 -4.19 -6.55
C SER A 42 7.00 -4.77 -6.27
N THR A 43 7.40 -4.79 -5.01
CA THR A 43 8.67 -5.40 -4.55
C THR A 43 8.65 -6.89 -4.84
N ALA A 44 7.56 -7.62 -4.57
CA ALA A 44 7.53 -9.06 -4.90
C ALA A 44 7.66 -9.23 -6.43
N MET A 45 7.02 -8.37 -7.22
CA MET A 45 7.12 -8.46 -8.70
C MET A 45 8.54 -8.06 -9.17
N GLY A 46 9.15 -7.06 -8.52
CA GLY A 46 10.55 -6.66 -8.74
C GLY A 46 11.53 -7.79 -8.48
N MET A 47 11.33 -8.53 -7.39
CA MET A 47 12.15 -9.70 -7.04
C MET A 47 12.00 -10.78 -8.13
N ALA A 48 10.81 -11.03 -8.65
CA ALA A 48 10.62 -11.99 -9.77
C ALA A 48 11.30 -11.46 -11.05
N TYR A 49 11.08 -10.18 -11.35
CA TYR A 49 11.64 -9.50 -12.53
C TYR A 49 13.17 -9.65 -12.53
N ALA A 50 13.82 -9.41 -11.39
CA ALA A 50 15.30 -9.46 -11.30
C ALA A 50 15.83 -10.85 -11.62
N GLY A 51 15.01 -11.90 -11.61
CA GLY A 51 15.48 -13.28 -11.82
C GLY A 51 14.83 -13.94 -13.01
N ALA A 52 13.86 -13.29 -13.67
CA ALA A 52 13.05 -13.90 -14.76
C ALA A 52 13.81 -13.78 -16.08
N ARG A 53 13.60 -14.76 -16.97
N ARG A 53 13.62 -14.75 -16.97
CA ARG A 53 14.13 -14.77 -18.35
CA ARG A 53 14.13 -14.69 -18.37
C ARG A 53 13.01 -15.22 -19.29
C ARG A 53 13.02 -15.23 -19.29
N GLY A 54 13.23 -15.10 -20.60
CA GLY A 54 12.32 -15.63 -21.64
C GLY A 54 10.88 -15.13 -21.45
N ASP A 55 9.92 -16.02 -21.68
CA ASP A 55 8.47 -15.71 -21.67
C ASP A 55 8.04 -15.26 -20.28
N THR A 56 8.66 -15.79 -19.22
CA THR A 56 8.34 -15.43 -17.82
C THR A 56 8.58 -13.93 -17.66
N LEU A 57 9.76 -13.47 -18.05
CA LEU A 57 10.13 -12.04 -17.98
C LEU A 57 9.19 -11.23 -18.88
N GLU A 58 8.93 -11.68 -20.12
CA GLU A 58 8.13 -10.88 -21.08
C GLU A 58 6.72 -10.71 -20.53
N GLN A 59 6.17 -11.70 -19.84
CA GLN A 59 4.80 -11.54 -19.30
C GLN A 59 4.82 -10.50 -18.19
N LEU A 60 5.84 -10.54 -17.35
CA LEU A 60 5.97 -9.53 -16.25
C LEU A 60 5.98 -8.12 -16.84
N THR A 61 6.86 -7.84 -17.81
CA THR A 61 7.06 -6.48 -18.37
C THR A 61 5.85 -6.05 -19.20
N LEU A 62 5.28 -6.93 -20.02
CA LEU A 62 4.19 -6.58 -20.95
C LEU A 62 2.96 -6.28 -20.12
N ASN A 63 2.87 -6.83 -18.92
CA ASN A 63 1.77 -6.52 -17.97
C ASN A 63 1.75 -5.01 -17.69
N PHE A 64 2.90 -4.35 -17.77
CA PHE A 64 3.02 -2.91 -17.48
C PHE A 64 3.22 -2.14 -18.78
N GLY A 65 3.06 -2.80 -19.94
CA GLY A 65 3.06 -2.15 -21.25
C GLY A 65 4.44 -2.07 -21.89
N TYR A 66 5.46 -2.77 -21.35
CA TYR A 66 6.84 -2.75 -21.89
C TYR A 66 7.25 -4.12 -22.43
N ALA A 67 7.76 -4.15 -23.65
CA ALA A 67 8.61 -5.29 -24.09
C ALA A 67 9.86 -5.25 -23.21
N ALA A 68 10.44 -6.41 -22.88
CA ALA A 68 11.66 -6.51 -22.06
C ALA A 68 12.80 -5.67 -22.66
N ASP A 69 12.86 -5.54 -24.00
CA ASP A 69 13.90 -4.72 -24.70
C ASP A 69 13.61 -3.20 -24.66
N GLU A 70 12.47 -2.76 -24.11
CA GLU A 70 12.17 -1.32 -23.87
C GLU A 70 12.61 -0.93 -22.45
N LEU A 71 13.20 -1.86 -21.69
CA LEU A 71 13.65 -1.65 -20.28
C LEU A 71 15.16 -1.87 -20.18
N ASN A 72 15.85 -1.04 -19.39
CA ASN A 72 17.18 -1.38 -18.82
C ASN A 72 16.96 -1.95 -17.41
N GLU A 73 17.30 -3.23 -17.21
CA GLU A 73 17.21 -3.96 -15.90
C GLU A 73 17.98 -3.15 -14.84
N GLY A 74 19.21 -2.78 -15.18
CA GLY A 74 20.02 -1.86 -14.36
C GLY A 74 19.22 -0.65 -13.88
N LYS A 75 18.52 0.06 -14.79
CA LYS A 75 17.84 1.34 -14.43
C LYS A 75 16.60 1.00 -13.59
N VAL A 76 15.91 -0.10 -13.88
CA VAL A 76 14.75 -0.50 -13.05
C VAL A 76 15.22 -0.79 -11.61
N LEU A 77 16.25 -1.64 -11.44
CA LEU A 77 16.81 -1.97 -10.09
C LEU A 77 17.27 -0.68 -9.39
N ALA A 78 17.82 0.29 -10.13
CA ALA A 78 18.32 1.57 -9.57
C ALA A 78 17.14 2.39 -9.04
N LEU A 79 16.00 2.39 -9.74
CA LEU A 79 14.76 3.10 -9.29
C LEU A 79 14.22 2.48 -7.99
N PHE A 80 14.22 1.17 -7.90
CA PHE A 80 13.87 0.46 -6.64
C PHE A 80 14.88 0.81 -5.56
N LYS A 81 16.17 0.77 -5.87
CA LYS A 81 17.28 1.17 -4.95
C LYS A 81 17.00 2.58 -4.39
N GLU A 82 16.68 3.55 -5.26
CA GLU A 82 16.36 4.95 -4.86
C GLU A 82 15.14 4.96 -3.93
N GLN A 83 14.06 4.25 -4.29
CA GLN A 83 12.84 4.12 -3.43
C GLN A 83 13.24 3.56 -2.06
N LEU A 84 14.08 2.52 -2.03
CA LEU A 84 14.43 1.87 -0.75
C LEU A 84 15.13 2.89 0.15
N GLN A 85 16.09 3.64 -0.39
CA GLN A 85 16.92 4.58 0.41
C GLN A 85 16.04 5.71 0.95
N SER A 86 15.02 6.14 0.19
CA SER A 86 14.07 7.18 0.64
C SER A 86 13.21 6.67 1.81
N THR A 87 12.91 5.36 1.88
CA THR A 87 12.07 4.78 2.98
C THR A 87 12.95 4.52 4.23
N ASN A 88 14.19 4.07 4.04
CA ASN A 88 15.21 3.90 5.11
C ASN A 88 15.60 5.24 5.74
N ASP A 89 15.52 6.33 4.98
CA ASP A 89 15.90 7.70 5.43
C ASP A 89 14.68 8.44 5.98
N LEU A 90 13.52 7.79 6.20
CA LEU A 90 12.34 8.50 6.78
C LEU A 90 12.71 8.90 8.22
N PRO A 91 12.23 10.04 8.74
CA PRO A 91 12.46 10.35 10.16
C PRO A 91 11.82 9.35 11.13
N HIS A 92 12.21 9.46 12.40
CA HIS A 92 11.76 8.64 13.56
C HIS A 92 10.23 8.65 13.68
N ASP A 93 9.57 9.76 13.32
CA ASP A 93 8.09 9.93 13.42
C ASP A 93 7.34 8.86 12.61
N TYR A 94 7.96 8.31 11.58
CA TYR A 94 7.45 7.17 10.77
C TYR A 94 7.98 5.86 11.38
N THR A 95 7.08 4.97 11.80
CA THR A 95 7.40 3.56 12.14
C THR A 95 6.99 2.73 10.92
N LEU A 96 7.98 2.37 10.12
CA LEU A 96 7.83 1.62 8.86
C LEU A 96 8.80 0.44 8.93
N ASN A 97 8.28 -0.74 9.21
CA ASN A 97 9.07 -1.98 9.27
C ASN A 97 8.67 -2.84 8.07
N ILE A 98 9.63 -3.09 7.19
CA ILE A 98 9.44 -3.79 5.89
C ILE A 98 10.16 -5.11 5.99
N ALA A 99 9.52 -6.21 5.67
CA ALA A 99 10.20 -7.51 5.68
C ALA A 99 9.92 -8.14 4.31
N ASN A 100 10.97 -8.31 3.51
CA ASN A 100 10.89 -8.91 2.17
C ASN A 100 11.82 -10.10 2.09
N ALA A 101 11.37 -11.25 1.57
CA ALA A 101 12.26 -12.41 1.38
C ALA A 101 11.73 -13.34 0.30
N ALA A 102 12.66 -14.01 -0.36
CA ALA A 102 12.45 -15.23 -1.15
C ALA A 102 12.95 -16.42 -0.31
N VAL A 103 12.10 -17.42 -0.11
CA VAL A 103 12.47 -18.67 0.61
C VAL A 103 12.36 -19.82 -0.39
N ALA A 104 13.48 -20.44 -0.67
CA ALA A 104 13.64 -21.52 -1.66
C ALA A 104 13.91 -22.87 -0.95
N GLN A 105 13.36 -23.95 -1.49
CA GLN A 105 13.81 -25.34 -1.23
C GLN A 105 15.32 -25.36 -1.45
N GLU A 106 16.05 -25.94 -0.48
CA GLU A 106 17.54 -26.02 -0.45
C GLU A 106 18.03 -26.86 -1.64
N GLY A 107 19.25 -26.57 -2.10
CA GLY A 107 19.97 -27.36 -3.11
C GLY A 107 19.63 -27.04 -4.56
N TYR A 108 19.00 -25.89 -4.88
CA TYR A 108 18.61 -25.53 -6.27
C TYR A 108 19.63 -24.58 -6.90
N GLY A 109 20.41 -23.90 -6.06
CA GLY A 109 21.42 -22.92 -6.48
C GLY A 109 20.96 -21.51 -6.21
N ILE A 110 21.90 -20.63 -5.89
CA ILE A 110 21.70 -19.18 -5.64
C ILE A 110 22.83 -18.43 -6.32
N LEU A 111 22.53 -17.53 -7.26
CA LEU A 111 23.52 -16.62 -7.89
C LEU A 111 23.74 -15.43 -6.97
N PRO A 112 25.01 -15.07 -6.69
CA PRO A 112 25.31 -13.87 -5.89
C PRO A 112 24.87 -12.55 -6.53
N GLU A 113 24.86 -12.45 -7.87
CA GLU A 113 24.23 -11.29 -8.61
C GLU A 113 22.78 -11.10 -8.13
N TYR A 114 22.03 -12.18 -7.97
CA TYR A 114 20.60 -12.12 -7.58
C TYR A 114 20.49 -11.71 -6.10
N THR A 115 21.22 -12.34 -5.18
CA THR A 115 21.16 -11.99 -3.72
C THR A 115 21.63 -10.56 -3.49
N ASP A 116 22.63 -10.11 -4.25
CA ASP A 116 23.13 -8.70 -4.21
C ASP A 116 22.03 -7.73 -4.65
N ALA A 117 21.33 -8.05 -5.75
CA ALA A 117 20.20 -7.26 -6.26
C ALA A 117 19.06 -7.23 -5.22
N LEU A 118 18.77 -8.37 -4.59
CA LEU A 118 17.72 -8.49 -3.54
C LEU A 118 18.04 -7.53 -2.39
N THR A 119 19.29 -7.50 -1.95
CA THR A 119 19.74 -6.66 -0.80
C THR A 119 19.63 -5.19 -1.20
N SER A 120 20.35 -4.78 -2.24
CA SER A 120 20.50 -3.34 -2.63
C SER A 120 19.20 -2.75 -3.20
N SER A 121 18.44 -3.47 -4.01
CA SER A 121 17.24 -2.88 -4.66
C SER A 121 15.99 -3.03 -3.79
N PHE A 122 15.87 -4.12 -3.01
CA PHE A 122 14.57 -4.51 -2.38
C PHE A 122 14.66 -4.67 -0.85
N GLY A 123 15.85 -4.61 -0.25
CA GLY A 123 16.03 -4.87 1.18
C GLY A 123 15.59 -6.27 1.53
N ALA A 124 15.74 -7.20 0.58
CA ALA A 124 15.14 -8.54 0.62
C ALA A 124 16.22 -9.51 1.04
N GLU A 125 15.84 -10.59 1.70
CA GLU A 125 16.76 -11.69 2.05
C GLU A 125 16.37 -12.90 1.20
N TYR A 126 17.35 -13.73 0.88
CA TYR A 126 17.15 -15.05 0.26
C TYR A 126 17.41 -16.11 1.35
N ILE A 127 16.45 -16.97 1.58
CA ILE A 127 16.49 -17.94 2.71
C ILE A 127 16.27 -19.31 2.10
N GLU A 128 17.08 -20.29 2.49
CA GLU A 128 16.93 -21.70 2.06
C GLU A 128 16.25 -22.45 3.19
N ALA A 129 15.37 -23.39 2.86
CA ALA A 129 14.62 -24.20 3.82
C ALA A 129 14.37 -25.58 3.19
N ASP A 130 14.05 -26.59 3.99
CA ASP A 130 13.70 -27.95 3.48
C ASP A 130 12.21 -28.20 3.76
N PHE A 131 11.36 -27.86 2.80
CA PHE A 131 9.88 -27.99 2.90
C PHE A 131 9.47 -29.45 2.83
N GLN A 132 10.35 -30.32 2.31
CA GLN A 132 10.06 -31.76 2.09
C GLN A 132 10.23 -32.54 3.40
N LYS A 133 11.37 -32.33 4.07
CA LYS A 133 11.81 -33.15 5.24
C LYS A 133 11.64 -32.39 6.54
N ARG A 134 11.76 -31.04 6.49
CA ARG A 134 11.84 -30.17 7.69
C ARG A 134 10.83 -29.02 7.58
N GLY A 135 9.59 -29.31 7.20
CA GLY A 135 8.55 -28.28 7.02
C GLY A 135 8.35 -27.51 8.31
N GLN A 136 8.33 -28.24 9.42
CA GLN A 136 8.11 -27.63 10.77
C GLN A 136 9.24 -26.65 11.06
N GLU A 137 10.49 -27.00 10.80
CA GLU A 137 11.66 -26.09 11.01
C GLU A 137 11.63 -24.89 10.05
N ALA A 138 11.18 -25.08 8.80
CA ALA A 138 11.12 -23.99 7.79
C ALA A 138 10.22 -22.87 8.32
N ILE A 139 9.06 -23.21 8.88
CA ILE A 139 8.14 -22.15 9.36
C ILE A 139 8.69 -21.53 10.66
N GLN A 140 9.42 -22.27 11.51
CA GLN A 140 10.09 -21.66 12.70
C GLN A 140 11.14 -20.65 12.20
N LYS A 141 11.94 -20.98 11.18
CA LYS A 141 12.96 -20.03 10.62
C LYS A 141 12.25 -18.80 10.02
N ILE A 142 11.17 -18.99 9.27
CA ILE A 142 10.43 -17.86 8.61
C ILE A 142 9.80 -16.98 9.70
N ASN A 143 9.15 -17.60 10.68
CA ASN A 143 8.42 -16.83 11.72
C ASN A 143 9.45 -16.04 12.53
N ALA A 144 10.65 -16.60 12.73
CA ALA A 144 11.69 -15.90 13.52
C ALA A 144 12.20 -14.72 12.69
N TRP A 145 12.41 -14.93 11.39
CA TRP A 145 12.92 -13.88 10.48
C TRP A 145 11.92 -12.71 10.45
N VAL A 146 10.63 -12.98 10.26
CA VAL A 146 9.63 -11.89 10.08
C VAL A 146 9.49 -11.13 11.40
N SER A 147 9.50 -11.85 12.53
CA SER A 147 9.41 -11.26 13.89
C SER A 147 10.57 -10.28 14.10
N ASN A 148 11.77 -10.69 13.71
CA ASN A 148 13.03 -9.88 13.83
C ASN A 148 12.94 -8.64 12.94
N ARG A 149 12.55 -8.79 11.67
CA ARG A 149 12.50 -7.68 10.67
C ARG A 149 11.34 -6.72 10.96
N THR A 150 10.24 -7.17 11.58
CA THR A 150 9.08 -6.29 11.87
C THR A 150 9.12 -5.81 13.33
N HIS A 151 10.22 -6.04 14.06
CA HIS A 151 10.38 -5.69 15.50
C HIS A 151 9.18 -6.22 16.27
N GLY A 152 8.75 -7.44 15.94
CA GLY A 152 7.75 -8.21 16.70
C GLY A 152 6.31 -7.83 16.36
N LYS A 153 6.11 -6.91 15.42
CA LYS A 153 4.74 -6.47 15.01
C LYS A 153 4.07 -7.59 14.21
N VAL A 154 4.87 -8.38 13.48
CA VAL A 154 4.38 -9.61 12.80
C VAL A 154 5.17 -10.78 13.38
N GLN A 155 4.49 -11.74 14.04
CA GLN A 155 5.12 -12.88 14.74
C GLN A 155 5.12 -14.11 13.80
N SER A 156 4.17 -14.21 12.89
CA SER A 156 4.06 -15.39 12.02
C SER A 156 3.48 -15.03 10.64
N LEU A 157 3.88 -15.78 9.63
CA LEU A 157 3.22 -15.79 8.30
C LEU A 157 2.57 -17.15 8.06
N PHE A 158 3.08 -18.22 8.69
CA PHE A 158 2.61 -19.62 8.51
C PHE A 158 2.17 -20.21 9.85
N ASP A 159 0.99 -20.85 9.88
CA ASP A 159 0.46 -21.65 11.01
C ASP A 159 0.92 -23.10 10.86
N GLU A 160 0.74 -23.69 9.67
CA GLU A 160 1.04 -25.11 9.31
C GLU A 160 2.16 -25.10 8.26
N PRO A 161 3.03 -26.12 8.21
CA PRO A 161 4.01 -26.22 7.12
C PRO A 161 3.35 -26.12 5.75
N PRO A 162 3.98 -25.46 4.77
CA PRO A 162 3.46 -25.46 3.40
C PRO A 162 3.71 -26.82 2.72
N ASP A 163 3.22 -26.97 1.50
CA ASP A 163 3.10 -28.28 0.79
C ASP A 163 4.49 -28.88 0.61
N PHE A 164 4.56 -30.22 0.62
CA PHE A 164 5.77 -31.04 0.32
C PHE A 164 6.48 -30.46 -0.92
N SER A 165 5.71 -30.12 -1.95
CA SER A 165 6.22 -29.75 -3.30
C SER A 165 6.58 -28.26 -3.40
N THR A 166 6.49 -27.49 -2.31
CA THR A 166 6.88 -26.05 -2.27
C THR A 166 8.30 -25.88 -2.78
N ARG A 167 8.46 -25.01 -3.77
CA ARG A 167 9.76 -24.74 -4.43
C ARG A 167 10.33 -23.40 -3.96
N LEU A 168 9.58 -22.32 -4.18
CA LEU A 168 9.95 -20.92 -3.86
C LEU A 168 8.69 -20.15 -3.45
N ILE A 169 8.80 -19.34 -2.41
CA ILE A 169 7.71 -18.48 -1.89
C ILE A 169 8.26 -17.08 -1.70
N LEU A 170 7.49 -16.08 -2.07
CA LEU A 170 7.81 -14.67 -1.85
C LEU A 170 6.99 -14.20 -0.63
N LEU A 171 7.68 -13.58 0.32
CA LEU A 171 7.09 -13.09 1.59
C LEU A 171 7.32 -11.60 1.63
N ASN A 172 6.29 -10.85 1.96
CA ASN A 172 6.35 -9.37 2.07
C ASN A 172 5.43 -9.01 3.22
N ALA A 173 6.01 -8.59 4.34
CA ALA A 173 5.29 -8.14 5.54
C ALA A 173 5.65 -6.68 5.77
N ILE A 174 4.70 -5.88 6.23
CA ILE A 174 4.93 -4.43 6.41
C ILE A 174 4.04 -3.94 7.54
N TYR A 175 4.62 -3.10 8.39
CA TYR A 175 3.94 -2.41 9.50
C TYR A 175 4.12 -0.91 9.28
N TYR A 176 3.06 -0.13 9.43
CA TYR A 176 3.16 1.33 9.35
C TYR A 176 2.31 1.97 10.46
N LYS A 177 2.94 2.88 11.18
CA LYS A 177 2.26 3.92 12.01
C LYS A 177 3.00 5.23 11.72
N GLY A 178 2.29 6.27 11.27
CA GLY A 178 2.87 7.61 11.05
C GLY A 178 2.36 8.61 12.09
N THR A 179 3.06 9.71 12.19
CA THR A 179 2.63 10.89 12.97
C THR A 179 2.03 11.89 11.97
N TRP A 180 0.83 12.35 12.20
CA TRP A 180 0.19 13.41 11.39
C TRP A 180 1.02 14.69 11.49
N LEU A 181 1.04 15.49 10.43
CA LEU A 181 1.48 16.89 10.49
C LEU A 181 0.61 17.56 11.55
N TYR A 182 -0.71 17.47 11.38
CA TYR A 182 -1.71 18.13 12.26
C TYR A 182 -2.38 17.10 13.15
N GLU A 183 -2.03 17.13 14.44
CA GLU A 183 -2.66 16.34 15.51
C GLU A 183 -4.18 16.49 15.39
N PHE A 184 -4.89 15.41 15.60
CA PHE A 184 -6.32 15.49 16.02
C PHE A 184 -6.33 15.69 17.53
N ASP A 185 -7.33 16.37 18.06
CA ASP A 185 -7.44 16.62 19.52
C ASP A 185 -8.03 15.38 20.18
N LYS A 186 -7.24 14.69 21.00
CA LYS A 186 -7.66 13.46 21.73
C LYS A 186 -8.97 13.74 22.46
N THR A 187 -9.16 14.95 22.99
CA THR A 187 -10.35 15.31 23.84
C THR A 187 -11.64 15.30 23.00
N LYS A 188 -11.55 15.52 21.69
CA LYS A 188 -12.72 15.56 20.78
C LYS A 188 -13.08 14.17 20.26
N THR A 189 -12.34 13.10 20.59
CA THR A 189 -12.60 11.72 20.10
C THR A 189 -13.75 11.10 20.91
N LYS A 190 -14.80 10.65 20.23
CA LYS A 190 -16.06 10.14 20.82
C LYS A 190 -16.58 9.06 19.90
N PRO A 191 -17.38 8.09 20.39
CA PRO A 191 -18.20 7.27 19.51
C PRO A 191 -19.18 8.10 18.65
N ARG A 192 -19.16 7.91 17.34
CA ARG A 192 -20.09 8.58 16.38
C ARG A 192 -20.53 7.55 15.32
N SER A 193 -21.65 7.85 14.68
CA SER A 193 -22.28 7.00 13.66
C SER A 193 -21.31 6.70 12.50
N PHE A 194 -21.26 5.43 12.10
CA PHE A 194 -20.65 4.92 10.86
C PHE A 194 -21.65 3.91 10.25
N TYR A 195 -21.85 3.96 8.95
CA TYR A 195 -22.71 2.99 8.25
C TYR A 195 -21.84 1.85 7.76
N ASN A 196 -21.76 0.76 8.54
CA ASN A 196 -21.10 -0.50 8.14
C ASN A 196 -21.76 -1.02 6.87
N GLY A 197 -20.96 -1.28 5.84
CA GLY A 197 -21.47 -1.74 4.54
C GLY A 197 -22.35 -0.69 3.85
N GLY A 198 -22.37 0.56 4.33
CA GLY A 198 -23.24 1.61 3.80
C GLY A 198 -24.68 1.49 4.28
N VAL A 199 -24.99 0.57 5.20
CA VAL A 199 -26.40 0.13 5.49
C VAL A 199 -26.67 0.05 6.99
N GLU A 200 -25.69 -0.30 7.82
CA GLU A 200 -25.93 -0.71 9.22
C GLU A 200 -25.30 0.33 10.14
N LYS A 201 -26.12 1.08 10.88
CA LYS A 201 -25.60 2.20 11.70
C LYS A 201 -25.00 1.62 12.97
N VAL A 202 -23.76 1.97 13.30
CA VAL A 202 -23.07 1.55 14.55
C VAL A 202 -22.34 2.78 15.07
N GLN A 203 -22.01 2.81 16.36
CA GLN A 203 -21.22 3.90 16.98
C GLN A 203 -19.77 3.44 17.02
N VAL A 204 -18.81 4.27 16.57
CA VAL A 204 -17.35 3.90 16.49
C VAL A 204 -16.49 5.09 16.89
N PRO A 205 -15.27 4.83 17.45
CA PRO A 205 -14.37 5.92 17.83
C PRO A 205 -14.07 6.80 16.60
N MET A 206 -14.47 8.06 16.68
CA MET A 206 -14.37 9.03 15.57
C MET A 206 -13.53 10.24 16.04
N MET A 207 -12.43 10.53 15.33
CA MET A 207 -11.55 11.68 15.59
C MET A 207 -12.12 12.91 14.87
N ARG A 208 -11.81 14.11 15.36
CA ARG A 208 -12.39 15.41 14.88
C ARG A 208 -11.22 16.38 14.70
N LEU A 209 -11.22 17.05 13.55
CA LEU A 209 -10.16 17.98 13.11
C LEU A 209 -10.86 19.21 12.52
N LYS A 210 -10.32 20.40 12.74
CA LYS A 210 -10.71 21.69 12.10
C LYS A 210 -9.41 22.32 11.60
N SER A 211 -9.18 22.34 10.29
CA SER A 211 -7.86 22.72 9.75
C SER A 211 -7.97 23.07 8.27
N THR A 212 -6.91 23.66 7.75
CA THR A 212 -6.70 23.93 6.33
C THR A 212 -6.14 22.65 5.72
N LEU A 213 -6.87 22.08 4.76
CA LEU A 213 -6.55 20.77 4.13
C LEU A 213 -6.75 20.90 2.62
N ASN A 214 -5.86 20.30 1.85
CA ASN A 214 -6.11 20.08 0.41
C ASN A 214 -7.37 19.21 0.26
N HIS A 215 -8.29 19.63 -0.60
CA HIS A 215 -9.59 18.99 -0.84
C HIS A 215 -10.08 19.33 -2.24
N THR A 216 -10.82 18.42 -2.85
CA THR A 216 -11.62 18.67 -4.07
C THR A 216 -12.83 17.74 -4.03
N TYR A 217 -13.93 18.16 -4.64
CA TYR A 217 -15.05 17.27 -5.02
C TYR A 217 -14.77 16.89 -6.46
N ASN A 218 -14.76 15.60 -6.77
CA ASN A 218 -14.45 15.12 -8.14
C ASN A 218 -15.67 14.42 -8.71
N ALA A 219 -16.21 14.97 -9.81
CA ALA A 219 -17.46 14.51 -10.46
C ALA A 219 -17.29 13.11 -11.01
N ILE A 220 -16.18 12.81 -11.69
CA ILE A 220 -15.98 11.49 -12.33
C ILE A 220 -15.98 10.38 -11.24
N LEU A 221 -15.35 10.61 -10.07
CA LEU A 221 -15.29 9.62 -8.95
C LEU A 221 -16.55 9.75 -8.11
N ASN A 222 -17.26 10.88 -8.25
CA ASN A 222 -18.39 11.35 -7.42
C ASN A 222 -18.02 11.23 -5.94
N ALA A 223 -16.98 11.94 -5.51
CA ALA A 223 -16.36 11.76 -4.18
C ALA A 223 -15.67 13.05 -3.74
N ASP A 224 -15.60 13.26 -2.43
CA ASP A 224 -14.62 14.15 -1.77
C ASP A 224 -13.29 13.42 -1.63
N LEU A 225 -12.22 14.08 -2.01
CA LEU A 225 -10.85 13.68 -1.68
C LEU A 225 -10.28 14.71 -0.72
N VAL A 226 -9.71 14.22 0.38
CA VAL A 226 -8.99 15.01 1.43
C VAL A 226 -7.60 14.43 1.61
N ASP A 227 -6.59 15.30 1.56
CA ASP A 227 -5.18 14.99 1.88
C ASP A 227 -4.94 15.33 3.35
N LEU A 228 -4.44 14.35 4.11
CA LEU A 228 -3.90 14.52 5.48
C LEU A 228 -2.42 14.21 5.41
N PRO A 229 -1.55 15.25 5.48
CA PRO A 229 -0.11 15.00 5.42
C PRO A 229 0.39 14.36 6.72
N TYR A 230 1.39 13.49 6.62
CA TYR A 230 2.21 13.05 7.78
C TYR A 230 3.36 14.07 7.94
N VAL A 231 4.15 13.97 9.01
CA VAL A 231 5.23 14.94 9.33
C VAL A 231 6.26 14.94 8.19
N GLY A 232 6.70 16.15 7.80
CA GLY A 232 7.66 16.38 6.69
C GLY A 232 6.97 16.29 5.33
N ASN A 233 5.64 16.35 5.31
CA ASN A 233 4.76 16.04 4.15
C ASN A 233 5.44 15.00 3.20
N ASP A 234 6.18 14.01 3.74
CA ASP A 234 6.88 12.93 2.98
C ASP A 234 5.84 11.91 2.45
N PHE A 235 4.91 11.50 3.31
CA PHE A 235 3.70 10.72 2.95
C PHE A 235 2.50 11.57 3.30
N SER A 236 1.40 11.31 2.61
CA SER A 236 0.05 11.84 2.97
C SER A 236 -0.98 10.72 2.80
N MET A 237 -2.03 10.79 3.59
CA MET A 237 -3.16 9.87 3.46
C MET A 237 -4.21 10.62 2.66
N THR A 238 -4.61 10.10 1.49
CA THR A 238 -5.75 10.65 0.74
C THR A 238 -6.97 9.83 1.08
N ILE A 239 -7.99 10.46 1.66
CA ILE A 239 -9.33 9.88 1.84
C ILE A 239 -10.13 10.12 0.58
N ILE A 240 -10.76 9.09 0.06
CA ILE A 240 -11.74 9.20 -1.06
C ILE A 240 -13.08 8.68 -0.51
N LEU A 241 -13.97 9.61 -0.26
CA LEU A 241 -15.29 9.35 0.30
C LEU A 241 -16.36 9.53 -0.77
N PRO A 242 -17.03 8.43 -1.20
CA PRO A 242 -18.11 8.53 -2.17
C PRO A 242 -19.21 9.42 -1.58
N ARG A 243 -19.89 10.20 -2.42
CA ARG A 243 -21.04 11.01 -1.95
C ARG A 243 -22.24 10.11 -1.59
N GLU A 244 -22.43 8.99 -2.27
CA GLU A 244 -23.53 8.01 -1.96
C GLU A 244 -23.04 7.11 -0.81
N LYS A 245 -23.86 6.91 0.22
CA LYS A 245 -23.62 5.96 1.35
C LYS A 245 -23.16 4.58 0.80
N THR A 246 -23.73 4.09 -0.29
CA THR A 246 -23.43 2.77 -0.91
C THR A 246 -22.55 2.94 -2.13
N GLY A 247 -21.80 4.04 -2.22
CA GLY A 247 -21.11 4.44 -3.47
C GLY A 247 -19.77 3.73 -3.67
N LEU A 248 -19.28 2.97 -2.67
CA LEU A 248 -17.89 2.43 -2.72
C LEU A 248 -17.68 1.56 -3.96
N ALA A 249 -18.58 0.62 -4.28
CA ALA A 249 -18.40 -0.31 -5.43
C ALA A 249 -18.32 0.49 -6.72
N SER A 250 -19.18 1.48 -6.88
CA SER A 250 -19.15 2.42 -8.02
C SER A 250 -17.79 3.14 -8.09
N LEU A 251 -17.36 3.71 -6.96
CA LEU A 251 -16.05 4.41 -6.86
C LEU A 251 -14.96 3.44 -7.31
N LYS A 252 -14.93 2.20 -6.81
CA LYS A 252 -13.87 1.24 -7.19
C LYS A 252 -13.85 1.10 -8.71
N SER A 253 -15.02 1.06 -9.35
CA SER A 253 -15.15 0.71 -10.79
C SER A 253 -14.60 1.85 -11.68
N VAL A 254 -14.52 3.09 -11.18
CA VAL A 254 -14.04 4.25 -11.98
C VAL A 254 -12.68 4.72 -11.49
N LEU A 255 -12.19 4.23 -10.35
CA LEU A 255 -10.88 4.67 -9.80
C LEU A 255 -9.77 3.99 -10.59
N THR A 256 -8.99 4.77 -11.36
CA THR A 256 -7.80 4.30 -12.10
C THR A 256 -6.66 5.29 -11.84
N SER A 257 -5.47 4.95 -12.30
CA SER A 257 -4.26 5.81 -12.20
C SER A 257 -4.58 7.19 -12.81
N GLN A 258 -5.27 7.21 -13.97
CA GLN A 258 -5.73 8.40 -14.73
C GLN A 258 -6.73 9.24 -13.90
N THR A 259 -7.87 8.67 -13.53
CA THR A 259 -8.93 9.43 -12.80
C THR A 259 -8.45 9.87 -11.42
N LEU A 260 -7.66 9.06 -10.71
CA LEU A 260 -7.05 9.47 -9.42
C LEU A 260 -6.18 10.73 -9.64
N ASN A 261 -5.24 10.68 -10.58
CA ASN A 261 -4.28 11.79 -10.83
C ASN A 261 -5.03 13.07 -11.22
N LEU A 262 -6.11 12.98 -12.01
CA LEU A 262 -6.92 14.16 -12.40
C LEU A 262 -7.54 14.77 -11.14
N ALA A 263 -8.09 13.95 -10.25
CA ALA A 263 -8.69 14.44 -8.99
C ALA A 263 -7.59 15.07 -8.14
N LEU A 264 -6.41 14.45 -8.05
CA LEU A 264 -5.36 14.93 -7.12
C LEU A 264 -4.85 16.30 -7.59
N GLN A 265 -4.85 16.52 -8.90
CA GLN A 265 -4.34 17.78 -9.50
C GLN A 265 -5.29 18.97 -9.26
N ASN A 266 -6.51 18.73 -8.77
CA ASN A 266 -7.57 19.78 -8.59
C ASN A 266 -7.72 20.14 -7.12
N MET A 267 -6.91 19.53 -6.25
CA MET A 267 -7.03 19.74 -4.79
C MET A 267 -6.43 21.12 -4.47
N TYR A 268 -7.06 21.88 -3.59
CA TYR A 268 -6.47 23.14 -3.10
C TYR A 268 -6.89 23.31 -1.65
N PRO A 269 -6.08 24.08 -0.88
CA PRO A 269 -6.26 24.19 0.56
C PRO A 269 -7.57 24.92 0.83
N LYS A 270 -8.28 24.53 1.88
CA LYS A 270 -9.44 25.28 2.39
C LYS A 270 -9.65 24.88 3.84
N ASP A 271 -10.24 25.76 4.63
CA ASP A 271 -10.66 25.47 6.02
C ASP A 271 -11.84 24.49 5.95
N MET A 272 -11.77 23.40 6.70
CA MET A 272 -12.86 22.39 6.76
C MET A 272 -12.86 21.66 8.10
N LYS A 273 -14.03 21.11 8.41
CA LYS A 273 -14.27 20.14 9.50
C LYS A 273 -14.14 18.71 8.91
N LEU A 274 -13.33 17.89 9.55
CA LEU A 274 -13.07 16.49 9.18
C LEU A 274 -13.41 15.60 10.37
N LYS A 275 -14.28 14.61 10.16
CA LYS A 275 -14.49 13.47 11.09
C LYS A 275 -13.91 12.21 10.42
N LEU A 276 -12.98 11.53 11.11
CA LEU A 276 -12.24 10.34 10.60
C LEU A 276 -12.17 9.28 11.71
N PRO A 277 -12.62 8.04 11.44
CA PRO A 277 -12.45 6.95 12.40
C PRO A 277 -10.99 6.67 12.77
N LYS A 278 -10.78 6.38 14.06
CA LYS A 278 -9.59 5.73 14.70
C LYS A 278 -9.70 4.23 14.40
N PHE A 279 -8.68 3.60 13.82
CA PHE A 279 -8.74 2.15 13.48
C PHE A 279 -7.32 1.56 13.34
N LYS A 280 -7.29 0.23 13.41
CA LYS A 280 -6.08 -0.62 13.24
C LYS A 280 -6.44 -1.66 12.19
N LEU A 281 -5.56 -1.94 11.26
CA LEU A 281 -5.83 -2.94 10.20
C LEU A 281 -4.70 -3.96 10.27
N ASP A 282 -5.04 -5.23 10.11
CA ASP A 282 -4.08 -6.37 10.15
C ASP A 282 -4.63 -7.39 9.15
N THR A 283 -4.01 -7.52 8.00
CA THR A 283 -4.55 -8.32 6.89
C THR A 283 -3.47 -9.21 6.36
N LYS A 284 -3.88 -10.30 5.72
CA LYS A 284 -2.94 -11.30 5.21
C LYS A 284 -3.56 -11.83 3.93
N TYR A 285 -2.80 -11.95 2.86
CA TYR A 285 -3.31 -12.47 1.58
C TYR A 285 -2.31 -13.48 1.06
N THR A 286 -2.86 -14.52 0.46
CA THR A 286 -2.19 -15.45 -0.47
C THR A 286 -2.47 -14.89 -1.85
N LEU A 287 -1.47 -14.32 -2.51
CA LEU A 287 -1.75 -13.45 -3.69
C LEU A 287 -1.70 -14.22 -4.99
N LYS A 288 -1.30 -15.49 -5.00
CA LYS A 288 -1.12 -16.17 -6.31
C LYS A 288 -2.40 -16.05 -7.12
N PRO A 289 -3.60 -16.45 -6.63
CA PRO A 289 -4.81 -16.41 -7.48
C PRO A 289 -5.15 -15.01 -8.03
N THR A 290 -4.99 -13.96 -7.23
CA THR A 290 -5.22 -12.55 -7.59
C THR A 290 -4.22 -12.12 -8.68
N LEU A 291 -2.95 -12.50 -8.55
CA LEU A 291 -1.93 -12.13 -9.56
C LEU A 291 -2.23 -12.87 -10.87
N GLU A 292 -2.62 -14.14 -10.82
CA GLU A 292 -3.06 -14.93 -12.00
C GLU A 292 -4.30 -14.30 -12.65
N ALA A 293 -5.26 -13.83 -11.88
CA ALA A 293 -6.44 -13.08 -12.37
C ALA A 293 -5.97 -11.87 -13.20
N MET A 294 -4.86 -11.24 -12.83
CA MET A 294 -4.29 -10.03 -13.51
C MET A 294 -3.42 -10.42 -14.71
N GLY A 295 -3.19 -11.70 -14.99
CA GLY A 295 -2.33 -12.15 -16.11
C GLY A 295 -0.87 -12.46 -15.75
N ILE A 296 -0.50 -12.51 -14.46
CA ILE A 296 0.85 -12.99 -14.03
C ILE A 296 0.73 -14.49 -13.74
N THR A 297 1.05 -15.32 -14.72
CA THR A 297 0.85 -16.78 -14.68
C THR A 297 2.18 -17.53 -14.74
N LYS A 298 3.16 -17.09 -15.53
CA LYS A 298 4.30 -17.96 -15.90
C LYS A 298 5.20 -18.16 -14.68
N ILE A 299 5.41 -17.15 -13.84
CA ILE A 299 6.23 -17.30 -12.60
C ILE A 299 5.69 -18.45 -11.73
N PHE A 300 4.40 -18.82 -11.84
CA PHE A 300 3.71 -19.78 -10.96
C PHE A 300 3.62 -21.16 -11.62
N SER A 301 4.02 -21.27 -12.87
CA SER A 301 3.78 -22.50 -13.66
C SER A 301 5.04 -23.34 -13.69
N ALA A 302 4.86 -24.59 -14.08
CA ALA A 302 5.91 -25.62 -14.24
C ALA A 302 6.94 -25.17 -15.30
N ASP A 303 6.57 -24.26 -16.19
CA ASP A 303 7.44 -23.75 -17.29
C ASP A 303 8.00 -22.37 -16.92
N ALA A 304 7.94 -21.98 -15.65
CA ALA A 304 8.62 -20.75 -15.17
C ALA A 304 10.07 -20.80 -15.64
N ASP A 305 10.59 -19.64 -16.04
CA ASP A 305 12.02 -19.41 -16.26
C ASP A 305 12.52 -18.37 -15.26
N LEU A 306 13.09 -18.82 -14.14
CA LEU A 306 13.72 -17.92 -13.14
C LEU A 306 15.20 -18.23 -13.04
N SER A 307 15.83 -18.49 -14.19
CA SER A 307 17.25 -18.93 -14.29
C SER A 307 18.18 -17.82 -13.78
N GLY A 308 17.73 -16.57 -13.69
CA GLY A 308 18.43 -15.44 -13.02
C GLY A 308 18.54 -15.60 -11.51
N ILE A 309 17.78 -16.48 -10.88
CA ILE A 309 17.89 -16.79 -9.43
C ILE A 309 18.99 -17.85 -9.22
N SER A 310 18.89 -18.99 -9.88
CA SER A 310 19.61 -20.23 -9.50
C SER A 310 20.74 -20.51 -10.49
N GLY A 311 20.64 -19.95 -11.70
CA GLY A 311 21.55 -20.25 -12.82
C GLY A 311 20.93 -21.25 -13.76
N SER A 312 19.79 -21.84 -13.39
CA SER A 312 19.09 -22.79 -14.27
C SER A 312 17.58 -22.66 -14.08
N ARG A 313 16.81 -23.31 -14.94
CA ARG A 313 15.33 -23.22 -14.93
C ARG A 313 14.75 -24.25 -13.97
N ASN A 314 15.07 -24.17 -12.68
CA ASN A 314 14.67 -25.24 -11.72
C ASN A 314 13.73 -24.67 -10.63
N LEU A 315 13.42 -23.38 -10.64
CA LEU A 315 12.51 -22.75 -9.65
C LEU A 315 11.21 -22.27 -10.31
N TYR A 316 10.13 -22.30 -9.55
CA TYR A 316 8.87 -21.59 -9.82
C TYR A 316 8.31 -21.10 -8.48
N VAL A 317 7.46 -20.10 -8.53
CA VAL A 317 6.83 -19.51 -7.31
C VAL A 317 5.61 -20.35 -6.94
N SER A 318 5.64 -20.94 -5.75
CA SER A 318 4.52 -21.71 -5.19
C SER A 318 3.46 -20.73 -4.67
N ASP A 319 3.89 -19.64 -4.01
CA ASP A 319 2.92 -18.59 -3.63
C ASP A 319 3.63 -17.32 -3.20
N VAL A 320 2.81 -16.28 -3.12
CA VAL A 320 3.18 -14.93 -2.67
C VAL A 320 2.30 -14.63 -1.46
N LEU A 321 2.93 -14.36 -0.32
CA LEU A 321 2.26 -14.13 0.98
C LEU A 321 2.52 -12.68 1.36
N HIS A 322 1.46 -11.97 1.68
CA HIS A 322 1.54 -10.53 1.98
C HIS A 322 0.78 -10.30 3.28
N LYS A 323 1.43 -9.65 4.23
CA LYS A 323 0.81 -9.26 5.50
C LYS A 323 1.10 -7.77 5.67
N ALA A 324 0.08 -6.99 6.01
CA ALA A 324 0.15 -5.54 6.14
C ALA A 324 -0.60 -5.13 7.39
N VAL A 325 0.04 -4.27 8.17
CA VAL A 325 -0.48 -3.79 9.48
C VAL A 325 -0.38 -2.26 9.49
N LEU A 326 -1.49 -1.60 9.84
CA LEU A 326 -1.61 -0.13 9.97
C LEU A 326 -2.31 0.20 11.28
N GLU A 327 -1.82 1.23 11.94
CA GLU A 327 -2.48 1.92 13.08
C GLU A 327 -2.75 3.36 12.64
N VAL A 328 -3.98 3.82 12.84
CA VAL A 328 -4.40 5.23 12.60
C VAL A 328 -4.93 5.77 13.93
N ASN A 329 -4.33 6.81 14.50
CA ASN A 329 -4.87 7.49 15.71
C ASN A 329 -4.60 9.00 15.65
N GLU A 330 -4.66 9.70 16.78
CA GLU A 330 -4.74 11.18 16.87
C GLU A 330 -3.36 11.84 16.74
N GLU A 331 -2.26 11.13 17.01
CA GLU A 331 -0.93 11.75 17.28
C GLU A 331 -0.45 12.54 16.06
N GLY A 332 -0.04 13.81 16.26
CA GLY A 332 0.54 14.69 15.23
C GLY A 332 1.65 15.59 15.75
N SER A 333 2.32 16.33 14.87
CA SER A 333 3.50 17.16 15.23
C SER A 333 3.01 18.54 15.71
N GLU A 334 2.08 19.17 15.00
CA GLU A 334 1.64 20.57 15.24
C GLU A 334 0.14 20.56 15.53
N ALA A 335 -0.34 21.63 16.16
CA ALA A 335 -1.77 21.87 16.44
C ALA A 335 -2.48 22.18 15.11
N ALA A 336 -3.78 21.92 15.06
CA ALA A 336 -4.67 22.25 13.92
C ALA A 336 -4.79 23.78 13.81
N ALA A 337 -4.54 24.34 12.63
CA ALA A 337 -4.77 25.77 12.32
C ALA A 337 -5.77 25.88 11.17
N VAL A 338 -6.69 26.85 11.26
CA VAL A 338 -7.49 27.36 10.10
C VAL A 338 -7.02 28.79 9.82
N THR A 339 -6.87 29.17 8.53
CA THR A 339 -6.49 30.55 8.09
C THR A 339 -7.54 31.56 8.57
N GLY A 340 -8.81 31.16 8.57
CA GLY A 340 -9.99 32.02 8.79
C GLY A 340 -10.49 32.54 7.46
N PHE A 341 -11.68 33.15 7.44
CA PHE A 341 -12.23 33.89 6.27
C PHE A 341 -11.47 35.22 6.15
N VAL A 342 -10.80 35.46 5.01
CA VAL A 342 -10.06 36.72 4.67
C VAL A 342 -11.08 37.74 4.14
N ILE A 343 -11.13 38.93 4.73
CA ILE A 343 -11.96 40.07 4.25
C ILE A 343 -11.13 41.35 4.35
N GLN A 344 -11.16 42.15 3.26
CA GLN A 344 -10.68 43.55 3.24
C GLN A 344 -11.84 44.41 3.76
N LEU A 345 -11.75 44.93 4.98
CA LEU A 345 -12.82 45.75 5.58
C LEU A 345 -12.55 47.24 5.31
N ARG A 346 -13.55 47.93 4.76
CA ARG A 346 -13.62 49.42 4.62
C ARG A 346 -14.34 49.98 5.85
N THR A 347 -15.66 49.79 5.94
CA THR A 347 -16.56 50.39 6.95
C THR A 347 -16.79 49.41 8.12
N ALA A 348 -16.49 49.81 9.35
CA ALA A 348 -16.79 49.05 10.60
C ALA A 348 -18.20 48.44 10.47
N ALA A 349 -18.38 47.18 10.91
CA ALA A 349 -19.62 46.38 10.74
C ALA A 349 -19.52 45.09 11.57
N PHE A 350 -20.67 44.41 11.74
CA PHE A 350 -20.77 42.99 12.17
C PHE A 350 -20.54 42.09 10.94
N VAL A 351 -19.52 41.23 10.97
CA VAL A 351 -19.13 40.32 9.85
C VAL A 351 -19.34 38.87 10.31
N THR A 352 -20.10 38.08 9.54
CA THR A 352 -20.43 36.65 9.80
C THR A 352 -19.71 35.79 8.77
N PRO A 353 -18.64 35.04 9.14
CA PRO A 353 -17.91 34.22 8.17
C PRO A 353 -18.80 33.07 7.73
N PRO A 354 -18.61 32.50 6.52
CA PRO A 354 -19.50 31.45 6.04
C PRO A 354 -19.24 30.15 6.80
N PRO A 355 -20.23 29.24 6.91
CA PRO A 355 -20.04 27.98 7.63
C PRO A 355 -18.87 27.20 7.00
N LEU A 356 -18.00 26.59 7.82
CA LEU A 356 -16.89 25.75 7.28
C LEU A 356 -17.50 24.55 6.58
N PRO A 357 -16.99 24.14 5.40
CA PRO A 357 -17.41 22.89 4.78
C PRO A 357 -16.95 21.66 5.58
N LYS A 358 -17.66 20.55 5.40
CA LYS A 358 -17.61 19.31 6.23
C LYS A 358 -17.35 18.08 5.37
N VAL A 359 -16.32 17.30 5.75
CA VAL A 359 -16.10 15.91 5.26
C VAL A 359 -16.20 14.98 6.48
N TYR A 360 -17.36 14.38 6.66
CA TYR A 360 -17.69 13.43 7.74
C TYR A 360 -17.51 12.00 7.20
N VAL A 361 -16.41 11.34 7.53
CA VAL A 361 -16.11 9.97 7.01
C VAL A 361 -16.89 8.94 7.84
N ASP A 362 -18.14 8.69 7.44
CA ASP A 362 -19.19 7.99 8.23
C ASP A 362 -19.81 6.86 7.40
N HIS A 363 -19.19 6.47 6.29
CA HIS A 363 -19.64 5.31 5.49
C HIS A 363 -18.43 4.82 4.73
N PRO A 364 -18.52 3.67 4.04
CA PRO A 364 -17.36 3.04 3.43
C PRO A 364 -16.60 3.95 2.46
N PHE A 365 -15.28 3.89 2.58
CA PHE A 365 -14.38 4.78 1.83
C PHE A 365 -13.10 4.04 1.48
N ILE A 366 -12.34 4.61 0.56
CA ILE A 366 -10.98 4.17 0.20
C ILE A 366 -10.01 5.17 0.81
N PHE A 367 -8.86 4.71 1.30
CA PHE A 367 -7.74 5.64 1.56
C PHE A 367 -6.51 5.10 0.86
N LEU A 368 -5.65 6.02 0.46
CA LEU A 368 -4.32 5.78 -0.14
C LEU A 368 -3.34 6.53 0.77
N ILE A 369 -2.27 5.86 1.19
CA ILE A 369 -1.09 6.54 1.76
C ILE A 369 -0.09 6.59 0.61
N ARG A 370 0.30 7.78 0.20
CA ARG A 370 1.23 7.91 -0.93
C ARG A 370 2.41 8.82 -0.56
N ASN A 371 3.53 8.53 -1.20
CA ASN A 371 4.76 9.39 -1.27
C ASN A 371 4.37 10.67 -2.00
N SER A 372 4.33 11.79 -1.28
CA SER A 372 3.96 13.12 -1.82
C SER A 372 4.91 13.53 -2.95
N LYS A 373 6.17 13.11 -2.91
CA LYS A 373 7.18 13.54 -3.90
C LYS A 373 6.92 12.80 -5.22
N THR A 374 6.71 11.48 -5.20
CA THR A 374 6.64 10.63 -6.42
C THR A 374 5.23 10.17 -6.74
N ASN A 375 4.25 10.34 -5.84
CA ASN A 375 2.86 9.85 -6.02
C ASN A 375 2.82 8.31 -6.09
N THR A 376 3.82 7.66 -5.52
CA THR A 376 3.81 6.20 -5.28
C THR A 376 2.78 5.90 -4.19
N ILE A 377 1.79 5.05 -4.49
CA ILE A 377 0.86 4.56 -3.44
C ILE A 377 1.59 3.50 -2.61
N MET A 378 1.81 3.81 -1.34
CA MET A 378 2.48 2.85 -0.45
C MET A 378 1.44 1.87 0.14
N PHE A 379 0.29 2.40 0.53
CA PHE A 379 -0.79 1.64 1.21
C PHE A 379 -2.14 1.99 0.58
N LEU A 380 -3.00 0.98 0.49
CA LEU A 380 -4.36 1.14 -0.05
CA LEU A 380 -4.35 1.07 -0.11
C LEU A 380 -5.34 0.36 0.82
N GLY A 381 -6.40 1.03 1.27
CA GLY A 381 -7.45 0.44 2.11
C GLY A 381 -8.85 0.71 1.57
N GLU A 382 -9.76 -0.24 1.69
CA GLU A 382 -11.21 -0.04 1.65
C GLU A 382 -11.71 -0.39 3.05
N ILE A 383 -12.29 0.58 3.71
CA ILE A 383 -12.99 0.39 4.99
C ILE A 383 -14.48 0.22 4.68
N ASN A 384 -14.99 -0.99 4.93
CA ASN A 384 -16.44 -1.27 4.83
C ASN A 384 -17.04 -1.28 6.23
N ALA A 385 -16.25 -1.54 7.26
CA ALA A 385 -16.76 -2.01 8.56
C ALA A 385 -15.81 -1.61 9.68
N LEU A 386 -16.35 -0.86 10.62
CA LEU A 386 -15.69 -0.50 11.89
C LEU A 386 -16.56 -0.93 13.09
#